data_4AXN
#
_entry.id   4AXN
#
_cell.length_a   93.550
_cell.length_b   93.550
_cell.length_c   174.260
_cell.angle_alpha   90.00
_cell.angle_beta   90.00
_cell.angle_gamma   90.00
#
_symmetry.space_group_name_H-M   'P 43 21 2'
#
loop_
_entity.id
_entity.type
_entity.pdbx_description
1 polymer 'CHITINASE C1'
2 non-polymer 'CALCIUM ION'
3 non-polymer 'ACETATE ION'
4 water water
#
_entity_poly.entity_id   1
_entity_poly.type   'polypeptide(L)'
_entity_poly.pdbx_seq_one_letter_code
;MSTNNTINAVAADDAAIMPSIANKKILMGFWHNWAAGASDGYQQGQFANMNLTDIPTEYNVVAVAFMKGQGIPTFKPYNL
SDTEFRRQVGVLNSQGRAVLISLGGADAHIELKTGDEDKLKDEIIRLVEVYGFDGLDIDLEQAAIGAANNKTVLPAALKK
VKDHYAAQGKNFIISMAPEFPYLRTNGTYLDYINALEGYYDFIAPQYYNQGGDGIWVDELNAWITQNNDAMKEDFLYYLT
ESLVTGTRGYAKIPAAKFVIGLPSNNDAAATGYVVNKQAVYNAFSRLDAKNLSIKGLMTWSINWDNGKSKAGVAYNWEFK
TRYAPLIQ
;
_entity_poly.pdbx_strand_id   A,B
#
# COMPACT_ATOMS: atom_id res chain seq x y z
N ASP A 13 17.55 7.28 -17.73
CA ASP A 13 18.41 6.28 -16.95
C ASP A 13 17.41 5.37 -16.19
N ASP A 14 16.98 4.28 -16.79
CA ASP A 14 15.97 3.43 -16.13
C ASP A 14 16.39 2.86 -14.79
N ALA A 15 17.66 2.48 -14.63
CA ALA A 15 18.12 1.91 -13.35
C ALA A 15 18.03 2.91 -12.23
N ALA A 16 17.98 4.21 -12.54
CA ALA A 16 17.92 5.20 -11.48
C ALA A 16 16.58 5.37 -10.78
N ILE A 17 15.52 4.84 -11.39
CA ILE A 17 14.15 4.85 -10.87
C ILE A 17 14.13 3.94 -9.64
N MET A 18 13.32 4.22 -8.61
CA MET A 18 13.15 3.22 -7.50
C MET A 18 11.64 2.93 -7.56
N PRO A 19 11.26 1.79 -8.16
CA PRO A 19 9.82 1.47 -8.28
C PRO A 19 9.10 1.41 -6.99
N SER A 20 7.89 1.96 -6.99
CA SER A 20 7.03 1.89 -5.82
C SER A 20 6.43 0.49 -5.70
N ILE A 21 6.38 -0.06 -4.49
CA ILE A 21 5.65 -1.33 -4.29
C ILE A 21 4.40 -1.06 -3.40
N ALA A 22 3.99 0.21 -3.25
CA ALA A 22 2.79 0.51 -2.48
C ALA A 22 1.54 0.12 -3.31
N ASN A 23 0.43 -0.05 -2.62
CA ASN A 23 -0.87 -0.32 -3.24
C ASN A 23 -1.01 -1.60 -4.01
N LYS A 24 -0.15 -2.56 -3.70
CA LYS A 24 -0.26 -3.87 -4.35
C LYS A 24 0.38 -4.90 -3.44
N LYS A 25 0.09 -6.17 -3.69
CA LYS A 25 0.78 -7.24 -2.97
C LYS A 25 2.06 -7.58 -3.79
N ILE A 26 3.01 -8.23 -3.14
CA ILE A 26 4.25 -8.60 -3.84
C ILE A 26 4.49 -10.12 -3.89
N LEU A 27 5.24 -10.53 -4.90
CA LEU A 27 5.74 -11.91 -5.04
C LEU A 27 7.25 -11.63 -5.13
N MET A 28 7.91 -11.85 -4.02
CA MET A 28 9.34 -11.55 -3.90
C MET A 28 10.18 -12.85 -4.00
N GLY A 29 11.34 -12.81 -4.66
CA GLY A 29 12.14 -13.99 -4.68
C GLY A 29 13.59 -13.59 -4.62
N PHE A 30 14.40 -14.50 -4.13
CA PHE A 30 15.86 -14.25 -4.05
C PHE A 30 16.57 -14.72 -5.29
N TRP A 31 17.63 -14.01 -5.70
CA TRP A 31 18.41 -14.39 -6.91
C TRP A 31 19.86 -14.60 -6.44
N HIS A 32 20.43 -15.75 -6.78
CA HIS A 32 21.77 -16.10 -6.30
C HIS A 32 22.91 -15.45 -7.09
N ASN A 33 23.77 -14.68 -6.43
CA ASN A 33 24.94 -14.10 -7.10
C ASN A 33 26.17 -15.06 -7.02
N TRP A 34 25.96 -16.34 -7.36
CA TRP A 34 27.05 -17.32 -7.42
C TRP A 34 26.58 -18.47 -8.29
N ALA A 35 27.57 -19.19 -8.85
CA ALA A 35 27.28 -20.26 -9.78
C ALA A 35 26.81 -21.53 -9.10
N ALA A 36 25.91 -22.20 -9.78
CA ALA A 36 25.43 -23.49 -9.31
C ALA A 36 26.56 -24.55 -9.30
N GLY A 37 26.56 -25.35 -8.24
CA GLY A 37 27.43 -26.52 -8.20
C GLY A 37 26.56 -27.68 -8.73
N ALA A 38 27.11 -28.88 -8.72
CA ALA A 38 26.39 -30.05 -9.24
C ALA A 38 25.25 -30.53 -8.37
N SER A 39 25.30 -30.22 -7.07
CA SER A 39 24.22 -30.78 -6.19
C SER A 39 23.97 -29.94 -4.94
N ASP A 40 23.75 -28.63 -5.13
CA ASP A 40 23.59 -27.74 -3.95
C ASP A 40 22.30 -27.94 -3.16
N GLY A 41 21.30 -28.57 -3.76
CA GLY A 41 20.01 -28.64 -3.07
C GLY A 41 19.91 -29.61 -1.89
N TYR A 42 18.92 -29.35 -1.04
CA TYR A 42 18.70 -30.19 0.14
C TYR A 42 18.34 -31.64 -0.26
N GLN A 43 17.90 -31.85 -1.50
CA GLN A 43 17.67 -33.21 -2.01
C GLN A 43 18.63 -33.50 -3.18
N GLN A 44 19.80 -32.86 -3.12
CA GLN A 44 20.88 -33.02 -4.12
C GLN A 44 20.56 -32.56 -5.54
N GLY A 45 19.54 -31.71 -5.65
CA GLY A 45 19.18 -31.09 -6.93
C GLY A 45 20.15 -29.96 -7.30
N GLN A 46 19.88 -29.28 -8.42
CA GLN A 46 20.78 -28.23 -8.92
C GLN A 46 19.96 -26.96 -9.26
N PHE A 47 20.41 -25.78 -8.82
CA PHE A 47 19.65 -24.56 -9.14
C PHE A 47 20.13 -24.00 -10.49
N ALA A 48 19.28 -23.17 -11.07
CA ALA A 48 19.57 -22.60 -12.36
C ALA A 48 20.36 -21.33 -12.25
N ASN A 49 21.31 -21.12 -13.17
CA ASN A 49 22.05 -19.83 -13.24
C ASN A 49 21.21 -19.02 -14.23
N MET A 50 21.02 -17.73 -14.00
CA MET A 50 20.23 -16.92 -14.97
C MET A 50 20.52 -15.45 -14.83
N ASN A 51 20.21 -14.70 -15.89
CA ASN A 51 20.34 -13.22 -15.84
C ASN A 51 19.10 -12.68 -15.10
N LEU A 52 19.16 -11.43 -14.66
CA LEU A 52 18.00 -10.86 -14.00
C LEU A 52 16.84 -10.76 -15.01
N THR A 53 17.20 -10.56 -16.28
CA THR A 53 16.19 -10.38 -17.31
C THR A 53 15.58 -11.71 -17.74
N ASP A 54 16.04 -12.80 -17.13
CA ASP A 54 15.44 -14.14 -17.41
C ASP A 54 14.36 -14.42 -16.35
N ILE A 55 14.25 -13.55 -15.33
CA ILE A 55 13.27 -13.83 -14.26
C ILE A 55 11.83 -13.49 -14.68
N PRO A 56 10.89 -14.44 -14.53
CA PRO A 56 9.48 -14.16 -14.89
C PRO A 56 9.02 -12.84 -14.28
N THR A 57 8.27 -12.05 -15.06
CA THR A 57 7.81 -10.76 -14.55
C THR A 57 6.94 -10.80 -13.33
N GLU A 58 6.30 -11.94 -13.05
CA GLU A 58 5.48 -12.02 -11.88
C GLU A 58 6.27 -11.80 -10.58
N TYR A 59 7.58 -12.09 -10.60
CA TYR A 59 8.42 -11.79 -9.41
C TYR A 59 8.66 -10.25 -9.50
N ASN A 60 7.91 -9.48 -8.70
CA ASN A 60 8.00 -8.01 -8.76
C ASN A 60 8.93 -7.38 -7.74
N VAL A 61 9.49 -8.22 -6.86
CA VAL A 61 10.58 -7.80 -5.94
C VAL A 61 11.63 -8.90 -6.04
N VAL A 62 12.85 -8.53 -6.47
CA VAL A 62 13.93 -9.52 -6.60
C VAL A 62 15.02 -9.10 -5.63
N ALA A 63 15.37 -9.99 -4.70
CA ALA A 63 16.44 -9.68 -3.73
C ALA A 63 17.71 -10.40 -4.13
N VAL A 64 18.80 -9.60 -4.39
CA VAL A 64 20.07 -10.15 -4.82
C VAL A 64 20.91 -10.60 -3.65
N ALA A 65 21.32 -11.86 -3.71
CA ALA A 65 22.03 -12.48 -2.56
C ALA A 65 23.47 -12.71 -2.88
N PHE A 66 24.46 -12.10 -2.15
CA PHE A 66 24.29 -11.26 -0.97
C PHE A 66 25.43 -10.22 -0.95
N MET A 67 25.16 -9.16 -0.19
CA MET A 67 26.15 -8.11 0.16
C MET A 67 26.77 -8.78 1.42
N LYS A 68 28.10 -8.77 1.52
CA LYS A 68 28.75 -9.46 2.64
C LYS A 68 30.18 -8.98 2.76
N GLY A 69 30.87 -9.38 3.83
CA GLY A 69 32.28 -9.04 3.95
C GLY A 69 32.66 -8.37 5.24
N GLN A 70 33.91 -8.61 5.68
CA GLN A 70 34.42 -8.00 6.92
C GLN A 70 34.67 -6.52 6.65
N GLY A 71 34.70 -5.74 7.69
CA GLY A 71 34.87 -4.28 7.55
C GLY A 71 33.54 -3.68 7.12
N ILE A 72 33.51 -3.11 5.92
CA ILE A 72 32.24 -2.61 5.38
C ILE A 72 31.84 -3.62 4.31
N PRO A 73 30.70 -4.31 4.53
CA PRO A 73 30.24 -5.31 3.55
C PRO A 73 30.06 -4.69 2.18
N THR A 74 30.11 -5.51 1.16
CA THR A 74 30.00 -5.00 -0.20
C THR A 74 29.45 -6.07 -1.14
N PHE A 75 29.38 -5.75 -2.42
CA PHE A 75 28.78 -6.64 -3.41
C PHE A 75 29.38 -6.34 -4.77
N LYS A 76 29.62 -7.40 -5.52
CA LYS A 76 30.05 -7.27 -6.91
C LYS A 76 29.47 -8.53 -7.65
N PRO A 77 28.86 -8.31 -8.83
CA PRO A 77 28.27 -9.40 -9.64
C PRO A 77 29.34 -10.43 -9.91
N TYR A 78 29.00 -11.70 -9.74
CA TYR A 78 29.98 -12.71 -9.94
C TYR A 78 30.29 -12.97 -11.40
N ASN A 79 29.34 -12.67 -12.28
CA ASN A 79 29.60 -12.95 -13.69
C ASN A 79 29.07 -11.95 -14.70
N LEU A 80 28.85 -10.71 -14.26
CA LEU A 80 28.38 -9.69 -15.19
C LEU A 80 29.20 -8.46 -14.88
N SER A 81 29.50 -7.66 -15.91
CA SER A 81 30.16 -6.39 -15.65
C SER A 81 29.20 -5.47 -14.86
N ASP A 82 29.73 -4.45 -14.19
CA ASP A 82 28.83 -3.51 -13.50
C ASP A 82 27.85 -2.87 -14.47
N THR A 83 28.32 -2.48 -15.66
CA THR A 83 27.45 -1.84 -16.63
C THR A 83 26.31 -2.75 -17.08
N GLU A 84 26.64 -4.03 -17.30
CA GLU A 84 25.61 -4.96 -17.77
C GLU A 84 24.62 -5.28 -16.64
N PHE A 85 25.13 -5.43 -15.43
CA PHE A 85 24.24 -5.68 -14.30
C PHE A 85 23.28 -4.48 -14.12
N ARG A 86 23.80 -3.24 -14.12
CA ARG A 86 22.92 -2.06 -14.01
C ARG A 86 21.90 -2.01 -15.18
N ARG A 87 22.33 -2.37 -16.40
CA ARG A 87 21.40 -2.35 -17.54
C ARG A 87 20.21 -3.30 -17.24
N GLN A 88 20.51 -4.51 -16.77
CA GLN A 88 19.42 -5.45 -16.45
C GLN A 88 18.54 -4.93 -15.32
N VAL A 89 19.14 -4.33 -14.27
CA VAL A 89 18.26 -3.78 -13.21
C VAL A 89 17.36 -2.69 -13.81
N GLY A 90 17.92 -1.92 -14.76
CA GLY A 90 17.12 -0.88 -15.41
C GLY A 90 15.94 -1.50 -16.18
N VAL A 91 16.13 -2.65 -16.83
CA VAL A 91 15.02 -3.33 -17.57
C VAL A 91 13.93 -3.69 -16.55
N LEU A 92 14.33 -4.33 -15.44
CA LEU A 92 13.32 -4.66 -14.44
C LEU A 92 12.62 -3.45 -13.89
N ASN A 93 13.38 -2.38 -13.60
CA ASN A 93 12.77 -1.17 -13.04
C ASN A 93 11.81 -0.54 -14.08
N SER A 94 12.12 -0.65 -15.37
CA SER A 94 11.23 -0.08 -16.40
C SER A 94 9.89 -0.82 -16.42
N GLN A 95 9.91 -2.05 -15.92
CA GLN A 95 8.74 -2.89 -15.80
C GLN A 95 8.02 -2.70 -14.46
N GLY A 96 8.50 -1.76 -13.62
CA GLY A 96 7.85 -1.54 -12.32
C GLY A 96 8.30 -2.55 -11.24
N ARG A 97 9.38 -3.27 -11.50
CA ARG A 97 9.85 -4.34 -10.56
C ARG A 97 11.07 -3.81 -9.78
N ALA A 98 11.05 -3.97 -8.47
CA ALA A 98 12.13 -3.51 -7.57
C ALA A 98 13.21 -4.57 -7.43
N VAL A 99 14.49 -4.14 -7.30
CA VAL A 99 15.59 -5.09 -7.13
C VAL A 99 16.33 -4.62 -5.88
N LEU A 100 16.31 -5.47 -4.84
CA LEU A 100 16.93 -5.15 -3.58
C LEU A 100 18.28 -5.83 -3.48
N ILE A 101 19.20 -5.24 -2.68
CA ILE A 101 20.44 -5.97 -2.40
C ILE A 101 20.23 -6.57 -0.98
N SER A 102 20.46 -7.88 -0.82
CA SER A 102 20.25 -8.52 0.49
C SER A 102 21.59 -8.63 1.22
N LEU A 103 21.65 -8.05 2.41
CA LEU A 103 22.84 -8.05 3.26
C LEU A 103 22.77 -9.29 4.18
N GLY A 104 23.78 -10.15 4.11
CA GLY A 104 23.80 -11.32 4.97
C GLY A 104 24.13 -12.61 4.28
N GLY A 105 23.34 -13.62 4.62
CA GLY A 105 23.56 -14.94 4.09
C GLY A 105 24.61 -15.70 4.97
N ALA A 106 24.76 -16.99 4.69
CA ALA A 106 25.73 -17.81 5.41
C ALA A 106 27.17 -17.35 5.19
N ASP A 107 27.97 -17.42 6.24
CA ASP A 107 29.39 -17.04 6.18
C ASP A 107 29.64 -15.66 5.59
N ALA A 108 28.90 -14.68 6.07
CA ALA A 108 29.05 -13.33 5.52
C ALA A 108 30.10 -12.50 6.23
N HIS A 109 30.52 -12.91 7.43
CA HIS A 109 31.51 -12.17 8.21
C HIS A 109 31.11 -10.73 8.46
N ILE A 110 29.83 -10.46 8.61
CA ILE A 110 29.37 -9.12 8.87
C ILE A 110 29.57 -8.76 10.35
N GLU A 111 30.49 -7.83 10.62
CA GLU A 111 30.77 -7.42 11.99
C GLU A 111 31.03 -5.93 11.96
N LEU A 112 29.95 -5.17 12.00
CA LEU A 112 30.03 -3.72 11.94
C LEU A 112 30.48 -3.16 13.25
N LYS A 113 31.33 -2.13 13.16
CA LYS A 113 31.91 -1.46 14.33
C LYS A 113 31.31 -0.08 14.57
N THR A 114 31.04 0.24 15.85
CA THR A 114 30.49 1.56 16.19
C THR A 114 31.41 2.59 15.54
N GLY A 115 30.82 3.60 14.92
CA GLY A 115 31.60 4.60 14.23
C GLY A 115 31.58 4.40 12.72
N ASP A 116 31.12 3.23 12.28
CA ASP A 116 31.12 2.97 10.85
C ASP A 116 29.77 3.21 10.16
N GLU A 117 28.86 3.91 10.83
CA GLU A 117 27.54 4.21 10.31
C GLU A 117 27.59 4.99 8.99
N ASP A 118 28.35 6.09 8.96
CA ASP A 118 28.44 6.83 7.69
C ASP A 118 29.20 6.06 6.60
N LYS A 119 30.22 5.29 6.95
CA LYS A 119 30.92 4.51 5.90
C LYS A 119 29.94 3.46 5.33
N LEU A 120 29.10 2.88 6.18
CA LEU A 120 28.13 1.86 5.65
C LEU A 120 27.05 2.56 4.78
N LYS A 121 26.54 3.70 5.23
CA LYS A 121 25.57 4.51 4.44
C LYS A 121 26.21 4.82 3.09
N ASP A 122 27.47 5.29 3.10
CA ASP A 122 28.14 5.63 1.82
C ASP A 122 28.28 4.44 0.86
N GLU A 123 28.49 3.24 1.41
CA GLU A 123 28.66 2.07 0.54
C GLU A 123 27.30 1.66 -0.01
N ILE A 124 26.26 1.75 0.80
CA ILE A 124 24.89 1.42 0.32
C ILE A 124 24.50 2.35 -0.80
N ILE A 125 24.80 3.65 -0.62
CA ILE A 125 24.50 4.63 -1.66
C ILE A 125 25.35 4.33 -2.90
N ARG A 126 26.61 3.93 -2.74
CA ARG A 126 27.45 3.59 -3.89
C ARG A 126 26.81 2.41 -4.66
N LEU A 127 26.32 1.40 -3.94
CA LEU A 127 25.72 0.23 -4.64
C LEU A 127 24.45 0.65 -5.42
N VAL A 128 23.70 1.59 -4.85
CA VAL A 128 22.49 2.10 -5.55
C VAL A 128 22.95 2.83 -6.84
N GLU A 129 23.96 3.69 -6.70
CA GLU A 129 24.38 4.44 -7.86
C GLU A 129 25.06 3.62 -8.95
N VAL A 130 25.78 2.55 -8.56
CA VAL A 130 26.48 1.74 -9.49
C VAL A 130 25.59 0.69 -10.14
N TYR A 131 24.79 0.04 -9.31
CA TYR A 131 23.97 -1.09 -9.79
C TYR A 131 22.47 -0.83 -10.00
N GLY A 132 21.98 0.24 -9.41
CA GLY A 132 20.56 0.60 -9.56
C GLY A 132 19.63 -0.06 -8.54
N PHE A 133 20.18 -0.57 -7.46
CA PHE A 133 19.34 -1.19 -6.41
C PHE A 133 18.29 -0.19 -5.87
N ASP A 134 17.14 -0.75 -5.46
CA ASP A 134 16.00 0.02 -4.98
C ASP A 134 15.74 -0.07 -3.47
N GLY A 135 16.67 -0.71 -2.78
CA GLY A 135 16.50 -0.88 -1.34
C GLY A 135 17.42 -2.02 -0.88
N LEU A 136 17.26 -2.34 0.40
CA LEU A 136 18.07 -3.38 1.04
C LEU A 136 17.23 -4.31 1.87
N ASP A 137 17.54 -5.60 1.75
CA ASP A 137 16.92 -6.66 2.56
C ASP A 137 17.92 -7.07 3.67
N ILE A 138 17.47 -7.21 4.91
CA ILE A 138 18.36 -7.68 5.95
C ILE A 138 18.12 -9.21 6.08
N ASP A 139 19.13 -10.01 5.77
CA ASP A 139 19.02 -11.47 5.87
C ASP A 139 20.23 -11.99 6.65
N LEU A 140 20.42 -11.49 7.87
CA LEU A 140 21.56 -11.94 8.66
C LEU A 140 21.51 -13.40 9.13
N GLU A 141 22.64 -14.08 9.07
CA GLU A 141 22.71 -15.46 9.57
C GLU A 141 22.64 -15.35 11.14
N GLN A 142 22.36 -16.47 11.81
CA GLN A 142 22.22 -16.47 13.26
C GLN A 142 23.45 -15.94 13.97
N ALA A 143 24.65 -16.24 13.45
CA ALA A 143 25.86 -15.77 14.10
C ALA A 143 26.02 -14.24 14.03
N ALA A 144 25.36 -13.61 13.06
CA ALA A 144 25.47 -12.17 12.89
C ALA A 144 24.46 -11.32 13.64
N ILE A 145 23.30 -11.87 14.03
CA ILE A 145 22.30 -10.98 14.62
C ILE A 145 22.72 -10.20 15.86
N GLY A 146 23.60 -10.77 16.68
CA GLY A 146 24.09 -10.06 17.86
C GLY A 146 25.61 -9.83 17.78
N ALA A 147 26.20 -9.92 16.59
CA ALA A 147 27.64 -9.78 16.46
C ALA A 147 28.11 -8.33 16.44
N ALA A 148 29.30 -8.13 17.02
CA ALA A 148 29.94 -6.80 17.03
C ALA A 148 28.94 -5.74 17.41
N ASN A 149 28.81 -4.72 16.55
CA ASN A 149 27.85 -3.66 16.80
C ASN A 149 26.80 -3.62 15.68
N ASN A 150 26.52 -4.77 15.10
CA ASN A 150 25.52 -4.83 14.04
C ASN A 150 24.16 -4.24 14.48
N LYS A 151 23.75 -4.54 15.72
CA LYS A 151 22.48 -4.09 16.26
C LYS A 151 22.24 -2.58 16.16
N THR A 152 23.30 -1.79 16.29
CA THR A 152 23.14 -0.35 16.25
C THR A 152 23.58 0.32 14.97
N VAL A 153 24.69 -0.17 14.41
CA VAL A 153 25.24 0.43 13.18
C VAL A 153 24.36 0.20 11.98
N LEU A 154 23.83 -1.01 11.84
CA LEU A 154 22.97 -1.25 10.66
C LEU A 154 21.70 -0.41 10.64
N PRO A 155 20.89 -0.36 11.74
CA PRO A 155 19.69 0.51 11.67
C PRO A 155 20.07 1.99 11.49
N ALA A 156 21.17 2.41 12.12
CA ALA A 156 21.55 3.83 11.99
C ALA A 156 21.94 4.18 10.57
N ALA A 157 22.72 3.31 9.92
CA ALA A 157 23.10 3.55 8.54
C ALA A 157 21.85 3.55 7.66
N LEU A 158 20.97 2.57 7.86
CA LEU A 158 19.77 2.50 6.97
C LEU A 158 18.84 3.70 7.11
N LYS A 159 18.68 4.21 8.35
CA LYS A 159 17.85 5.40 8.48
C LYS A 159 18.48 6.54 7.66
N LYS A 160 19.80 6.68 7.71
CA LYS A 160 20.43 7.74 6.92
C LYS A 160 20.24 7.55 5.43
N VAL A 161 20.31 6.31 4.96
CA VAL A 161 20.09 6.03 3.54
C VAL A 161 18.64 6.33 3.16
N LYS A 162 17.70 5.90 4.01
CA LYS A 162 16.29 6.12 3.67
C LYS A 162 16.02 7.62 3.59
N ASP A 163 16.52 8.35 4.58
CA ASP A 163 16.31 9.80 4.60
C ASP A 163 16.93 10.47 3.39
N HIS A 164 18.11 10.02 2.99
CA HIS A 164 18.81 10.57 1.83
C HIS A 164 17.94 10.44 0.56
N TYR A 165 17.39 9.25 0.30
CA TYR A 165 16.59 9.09 -0.88
C TYR A 165 15.20 9.73 -0.75
N ALA A 166 14.64 9.79 0.44
CA ALA A 166 13.32 10.43 0.59
C ALA A 166 13.41 11.93 0.18
N ALA A 167 14.56 12.54 0.45
CA ALA A 167 14.81 13.97 0.08
C ALA A 167 14.85 14.16 -1.44
N GLN A 168 15.12 13.08 -2.18
CA GLN A 168 15.13 13.05 -3.65
C GLN A 168 13.80 12.55 -4.24
N GLY A 169 12.77 12.34 -3.41
CA GLY A 169 11.51 11.83 -3.93
C GLY A 169 11.54 10.34 -4.22
N LYS A 170 12.45 9.60 -3.61
CA LYS A 170 12.53 8.14 -3.85
C LYS A 170 12.35 7.34 -2.57
N ASN A 171 11.61 6.22 -2.65
CA ASN A 171 11.44 5.37 -1.45
C ASN A 171 12.41 4.20 -1.56
N PHE A 172 13.45 4.25 -0.72
CA PHE A 172 14.46 3.23 -0.68
C PHE A 172 13.80 2.17 0.18
N ILE A 173 13.55 0.98 -0.39
CA ILE A 173 12.83 -0.08 0.34
C ILE A 173 13.71 -0.77 1.38
N ILE A 174 13.18 -0.99 2.58
CA ILE A 174 13.95 -1.76 3.56
C ILE A 174 13.08 -2.98 3.95
N SER A 175 13.66 -4.18 3.83
CA SER A 175 12.93 -5.41 4.20
C SER A 175 13.80 -6.24 5.08
N MET A 176 13.20 -7.26 5.73
CA MET A 176 14.00 -8.14 6.60
C MET A 176 13.47 -9.54 6.37
N ALA A 177 14.35 -10.51 6.40
CA ALA A 177 13.96 -11.93 6.20
C ALA A 177 14.46 -12.78 7.37
N PRO A 178 13.94 -12.53 8.57
CA PRO A 178 14.33 -13.28 9.76
C PRO A 178 13.85 -14.74 9.76
N GLU A 179 14.61 -15.61 10.41
CA GLU A 179 14.08 -17.00 10.67
C GLU A 179 12.91 -16.78 11.60
N PHE A 180 11.81 -17.52 11.44
CA PHE A 180 10.68 -17.20 12.29
C PHE A 180 10.87 -17.29 13.81
N PRO A 181 11.70 -18.23 14.33
CA PRO A 181 11.85 -18.27 15.81
C PRO A 181 12.61 -17.06 16.41
N TYR A 182 13.20 -16.27 15.53
CA TYR A 182 13.83 -14.98 15.95
C TYR A 182 12.79 -14.00 16.46
N LEU A 183 11.53 -14.22 16.10
CA LEU A 183 10.48 -13.26 16.39
C LEU A 183 9.65 -13.52 17.64
N ARG A 184 10.05 -14.47 18.45
CA ARG A 184 9.32 -14.73 19.71
C ARG A 184 9.51 -13.53 20.66
N THR A 185 8.61 -13.39 21.61
CA THR A 185 8.70 -12.35 22.64
C THR A 185 10.11 -12.49 23.29
N ASN A 186 10.74 -11.34 23.57
CA ASN A 186 12.08 -11.21 24.19
C ASN A 186 13.20 -11.63 23.26
N GLY A 187 12.90 -11.73 21.94
CA GLY A 187 13.91 -12.15 20.98
C GLY A 187 14.92 -11.04 20.74
N THR A 188 16.18 -11.40 20.66
CA THR A 188 17.24 -10.43 20.43
C THR A 188 17.01 -9.70 19.08
N TYR A 189 16.47 -10.40 18.08
CA TYR A 189 16.23 -9.77 16.78
C TYR A 189 15.22 -8.60 16.78
N LEU A 190 14.31 -8.58 17.73
CA LEU A 190 13.28 -7.55 17.78
C LEU A 190 13.91 -6.16 17.88
N ASP A 191 15.14 -6.08 18.36
CA ASP A 191 15.84 -4.77 18.41
C ASP A 191 15.92 -4.16 16.99
N TYR A 192 16.12 -4.96 15.93
CA TYR A 192 16.18 -4.43 14.56
C TYR A 192 14.83 -3.91 14.14
N ILE A 193 13.80 -4.69 14.44
CA ILE A 193 12.47 -4.27 14.05
C ILE A 193 12.07 -2.98 14.79
N ASN A 194 12.37 -2.91 16.08
CA ASN A 194 11.97 -1.75 16.83
C ASN A 194 12.79 -0.52 16.38
N ALA A 195 14.09 -0.72 16.18
CA ALA A 195 14.96 0.38 15.75
C ALA A 195 14.48 0.93 14.39
N LEU A 196 13.95 0.05 13.53
CA LEU A 196 13.50 0.50 12.22
C LEU A 196 11.99 0.79 12.04
N GLU A 197 11.28 0.92 13.16
CA GLU A 197 9.87 1.25 13.15
C GLU A 197 9.64 2.53 12.27
N GLY A 198 8.75 2.46 11.28
CA GLY A 198 8.48 3.57 10.38
C GLY A 198 9.44 3.72 9.19
N TYR A 199 10.47 2.88 9.15
CA TYR A 199 11.46 2.86 8.10
C TYR A 199 11.38 1.58 7.30
N TYR A 200 11.12 0.43 7.93
CA TYR A 200 11.03 -0.80 7.12
C TYR A 200 9.68 -0.87 6.39
N ASP A 201 9.70 -1.41 5.17
CA ASP A 201 8.51 -1.52 4.36
C ASP A 201 7.77 -2.86 4.67
N PHE A 202 8.55 -3.91 4.89
CA PHE A 202 7.89 -5.20 5.24
C PHE A 202 8.86 -6.15 5.82
N ILE A 203 8.33 -7.17 6.53
CA ILE A 203 9.17 -8.20 7.16
C ILE A 203 8.64 -9.51 6.56
N ALA A 204 9.53 -10.34 6.04
CA ALA A 204 9.18 -11.63 5.43
C ALA A 204 9.89 -12.78 6.19
N PRO A 205 9.28 -13.29 7.24
CA PRO A 205 9.92 -14.37 7.99
C PRO A 205 10.00 -15.66 7.20
N GLN A 206 11.04 -16.44 7.48
CA GLN A 206 11.28 -17.73 6.78
C GLN A 206 10.49 -18.80 7.49
N TYR A 207 9.44 -19.32 6.84
CA TYR A 207 8.64 -20.41 7.44
C TYR A 207 9.27 -21.75 6.97
N TYR A 208 10.60 -21.87 7.07
CA TYR A 208 11.28 -23.07 6.60
C TYR A 208 12.62 -23.19 7.32
N ASN A 209 13.19 -24.38 7.23
CA ASN A 209 14.47 -24.75 7.86
C ASN A 209 14.44 -24.80 9.39
N GLN A 210 13.25 -24.79 10.00
CA GLN A 210 13.15 -24.88 11.47
C GLN A 210 12.08 -25.91 11.69
N GLY A 211 12.29 -27.09 11.07
CA GLY A 211 11.26 -28.13 11.07
C GLY A 211 10.63 -28.51 12.39
N GLY A 212 11.47 -28.54 13.43
CA GLY A 212 10.97 -28.90 14.76
C GLY A 212 10.33 -27.80 15.59
N ASP A 213 10.41 -26.54 15.16
CA ASP A 213 9.82 -25.43 15.89
C ASP A 213 8.31 -25.44 15.55
N GLY A 214 7.49 -25.06 16.53
CA GLY A 214 6.04 -25.12 16.33
C GLY A 214 5.29 -24.16 17.20
N ILE A 215 3.94 -24.19 17.13
CA ILE A 215 3.13 -23.32 17.95
C ILE A 215 1.94 -24.15 18.47
N TRP A 216 1.52 -23.79 19.67
CA TRP A 216 0.37 -24.43 20.31
C TRP A 216 -0.84 -23.59 19.96
N VAL A 217 -1.78 -24.25 19.31
CA VAL A 217 -3.00 -23.60 18.87
C VAL A 217 -4.20 -24.11 19.68
N ASP A 218 -4.66 -23.30 20.60
CA ASP A 218 -5.79 -23.68 21.43
C ASP A 218 -7.06 -23.95 20.64
N GLU A 219 -7.24 -23.22 19.55
CA GLU A 219 -8.41 -23.40 18.71
C GLU A 219 -8.49 -24.80 18.13
N LEU A 220 -7.38 -25.53 18.08
CA LEU A 220 -7.38 -26.87 17.53
C LEU A 220 -6.90 -27.91 18.57
N ASN A 221 -6.52 -27.48 19.77
CA ASN A 221 -5.92 -28.38 20.78
C ASN A 221 -4.81 -29.16 20.04
N ALA A 222 -3.99 -28.43 19.27
CA ALA A 222 -2.94 -29.08 18.48
C ALA A 222 -1.61 -28.33 18.51
N TRP A 223 -0.54 -29.13 18.56
CA TRP A 223 0.85 -28.56 18.49
C TRP A 223 1.17 -28.72 17.01
N ILE A 224 1.44 -27.61 16.31
CA ILE A 224 1.68 -27.71 14.88
C ILE A 224 3.11 -27.28 14.55
N THR A 225 3.92 -28.23 14.07
CA THR A 225 5.32 -27.89 13.73
C THR A 225 5.39 -27.43 12.29
N GLN A 226 6.50 -26.74 11.98
CA GLN A 226 6.74 -26.26 10.62
C GLN A 226 6.99 -27.36 9.60
N ASN A 227 7.24 -28.58 10.06
N ASN A 227 7.22 -28.59 10.05
CA ASN A 227 7.48 -29.70 9.16
CA ASN A 227 7.45 -29.65 9.10
C ASN A 227 6.26 -30.63 9.11
C ASN A 227 6.23 -30.59 9.00
N ASN A 228 5.11 -30.15 9.58
CA ASN A 228 3.87 -30.97 9.56
C ASN A 228 3.10 -30.69 8.27
N ASP A 229 3.19 -31.60 7.30
CA ASP A 229 2.45 -31.41 6.06
C ASP A 229 0.94 -31.60 6.17
N ALA A 230 0.49 -32.54 7.02
CA ALA A 230 -0.97 -32.74 7.19
C ALA A 230 -1.72 -31.48 7.63
N MET A 231 -1.05 -30.68 8.45
CA MET A 231 -1.69 -29.48 8.96
C MET A 231 -1.02 -28.19 8.44
N LYS A 232 -0.49 -28.26 7.21
CA LYS A 232 0.25 -27.09 6.65
C LYS A 232 -0.60 -25.83 6.63
N GLU A 233 -1.84 -25.93 6.15
CA GLU A 233 -2.68 -24.73 6.10
C GLU A 233 -2.81 -24.07 7.46
N ASP A 234 -3.09 -24.90 8.47
CA ASP A 234 -3.25 -24.34 9.80
C ASP A 234 -1.92 -23.80 10.37
N PHE A 235 -0.81 -24.40 9.99
CA PHE A 235 0.49 -23.84 10.44
C PHE A 235 0.65 -22.46 9.79
N LEU A 236 0.44 -22.36 8.47
CA LEU A 236 0.60 -21.05 7.81
C LEU A 236 -0.37 -20.03 8.42
N TYR A 237 -1.65 -20.39 8.58
CA TYR A 237 -2.57 -19.44 9.11
C TYR A 237 -2.26 -19.01 10.54
N TYR A 238 -2.10 -19.98 11.45
CA TYR A 238 -1.90 -19.63 12.84
C TYR A 238 -0.54 -19.01 13.15
N LEU A 239 0.54 -19.40 12.47
CA LEU A 239 1.82 -18.70 12.79
C LEU A 239 1.65 -17.27 12.28
N THR A 240 1.00 -17.08 11.11
CA THR A 240 0.86 -15.70 10.64
C THR A 240 -0.05 -14.89 11.58
N GLU A 241 -1.17 -15.48 11.98
CA GLU A 241 -2.08 -14.78 12.89
C GLU A 241 -1.33 -14.39 14.18
N SER A 242 -0.52 -15.32 14.70
CA SER A 242 0.22 -15.03 15.93
C SER A 242 1.15 -13.85 15.72
N LEU A 243 1.85 -13.89 14.60
CA LEU A 243 2.80 -12.77 14.33
C LEU A 243 2.14 -11.41 14.05
N VAL A 244 0.99 -11.38 13.39
CA VAL A 244 0.40 -10.08 13.11
C VAL A 244 -0.53 -9.58 14.22
N THR A 245 -0.66 -10.37 15.30
CA THR A 245 -1.47 -9.95 16.45
C THR A 245 -0.65 -9.93 17.75
N GLY A 246 0.56 -10.49 17.70
CA GLY A 246 1.39 -10.55 18.89
C GLY A 246 0.88 -11.53 19.95
N THR A 247 0.45 -12.71 19.51
CA THR A 247 -0.03 -13.73 20.41
C THR A 247 0.76 -15.03 20.27
N ARG A 248 0.37 -16.01 21.08
CA ARG A 248 1.06 -17.31 21.08
C ARG A 248 2.56 -17.27 21.29
N GLY A 249 3.06 -16.26 22.02
CA GLY A 249 4.48 -16.16 22.33
C GLY A 249 5.30 -15.34 21.34
N TYR A 250 4.63 -14.72 20.37
CA TYR A 250 5.32 -13.93 19.36
C TYR A 250 5.05 -12.45 19.56
N ALA A 251 5.98 -11.64 19.09
CA ALA A 251 5.84 -10.19 19.13
C ALA A 251 5.01 -9.82 17.91
N LYS A 252 4.39 -8.67 17.94
CA LYS A 252 3.54 -8.26 16.81
C LYS A 252 4.24 -7.51 15.66
N ILE A 253 3.91 -7.86 14.43
CA ILE A 253 4.37 -7.12 13.22
C ILE A 253 3.07 -6.74 12.48
N PRO A 254 2.93 -5.48 12.02
CA PRO A 254 1.68 -5.08 11.32
C PRO A 254 1.38 -5.95 10.10
N ALA A 255 0.14 -6.46 10.00
CA ALA A 255 -0.21 -7.35 8.88
C ALA A 255 0.03 -6.73 7.52
N ALA A 256 -0.23 -5.42 7.39
CA ALA A 256 -0.03 -4.77 6.10
C ALA A 256 1.45 -4.74 5.70
N LYS A 257 2.34 -4.99 6.66
CA LYS A 257 3.79 -4.95 6.35
C LYS A 257 4.36 -6.38 6.51
N PHE A 258 3.49 -7.40 6.36
CA PHE A 258 3.95 -8.77 6.63
C PHE A 258 3.92 -9.66 5.38
N VAL A 259 4.96 -10.44 5.19
CA VAL A 259 5.10 -11.33 4.01
C VAL A 259 5.50 -12.74 4.49
N ILE A 260 4.77 -13.74 3.98
CA ILE A 260 5.13 -15.15 4.35
C ILE A 260 6.23 -15.67 3.43
N GLY A 261 7.35 -16.07 4.03
CA GLY A 261 8.51 -16.62 3.26
C GLY A 261 8.43 -18.14 3.18
N LEU A 262 8.51 -18.69 1.96
CA LEU A 262 8.41 -20.14 1.71
C LEU A 262 9.47 -20.67 0.78
N PRO A 263 9.82 -21.97 0.89
CA PRO A 263 10.82 -22.56 -0.02
C PRO A 263 10.12 -22.79 -1.36
N SER A 264 10.83 -22.60 -2.46
CA SER A 264 10.18 -22.79 -3.76
C SER A 264 9.91 -24.29 -4.04
N ASN A 265 10.71 -25.17 -3.44
CA ASN A 265 10.55 -26.64 -3.61
C ASN A 265 11.42 -27.31 -2.53
N ASN A 266 11.42 -28.65 -2.47
CA ASN A 266 12.16 -29.37 -1.47
C ASN A 266 13.70 -29.34 -1.61
N ASP A 267 14.18 -28.84 -2.75
CA ASP A 267 15.62 -28.70 -2.87
C ASP A 267 16.06 -27.34 -2.29
N ALA A 268 15.12 -26.41 -2.18
CA ALA A 268 15.47 -25.01 -1.71
C ALA A 268 15.64 -24.93 -0.21
N ALA A 269 14.98 -25.81 0.57
CA ALA A 269 15.07 -25.81 2.03
C ALA A 269 14.91 -27.25 2.55
N ALA A 270 15.48 -27.55 3.71
CA ALA A 270 15.37 -28.88 4.28
C ALA A 270 13.90 -29.25 4.55
N THR A 271 13.20 -28.30 5.18
CA THR A 271 11.78 -28.47 5.52
C THR A 271 11.01 -27.18 5.26
N GLY A 272 9.67 -27.28 5.11
CA GLY A 272 8.85 -26.09 4.96
C GLY A 272 8.13 -25.98 3.64
N TYR A 273 8.57 -26.77 2.66
CA TYR A 273 7.94 -26.73 1.35
C TYR A 273 6.46 -27.04 1.49
N VAL A 274 5.62 -26.20 0.86
CA VAL A 274 4.17 -26.41 0.89
C VAL A 274 3.82 -27.37 -0.26
N VAL A 275 3.38 -28.58 0.12
CA VAL A 275 3.07 -29.61 -0.88
C VAL A 275 1.78 -29.28 -1.65
N ASN A 276 0.75 -28.86 -0.92
CA ASN A 276 -0.59 -28.53 -1.46
C ASN A 276 -0.82 -27.01 -1.55
N LYS A 277 -0.83 -26.46 -2.74
CA LYS A 277 -1.01 -24.99 -2.95
C LYS A 277 -2.22 -24.37 -2.26
N GLN A 278 -3.28 -25.17 -2.12
CA GLN A 278 -4.48 -24.64 -1.47
C GLN A 278 -4.24 -24.20 -0.03
N ALA A 279 -3.25 -24.80 0.65
CA ALA A 279 -2.91 -24.37 1.99
C ALA A 279 -2.57 -22.85 2.02
N VAL A 280 -1.87 -22.37 1.01
CA VAL A 280 -1.51 -20.95 0.94
C VAL A 280 -2.76 -20.10 0.57
N TYR A 281 -3.48 -20.54 -0.46
CA TYR A 281 -4.69 -19.80 -0.85
C TYR A 281 -5.64 -19.66 0.35
N ASN A 282 -5.83 -20.76 1.08
CA ASN A 282 -6.74 -20.71 2.23
C ASN A 282 -6.20 -19.88 3.40
N ALA A 283 -4.90 -19.96 3.63
CA ALA A 283 -4.36 -19.13 4.71
C ALA A 283 -4.60 -17.67 4.35
N PHE A 284 -4.35 -17.28 3.09
CA PHE A 284 -4.64 -15.89 2.72
C PHE A 284 -6.13 -15.54 2.86
N SER A 285 -7.03 -16.38 2.36
CA SER A 285 -8.43 -15.97 2.47
C SER A 285 -8.94 -15.94 3.91
N ARG A 286 -8.36 -16.77 4.78
CA ARG A 286 -8.75 -16.76 6.16
C ARG A 286 -8.25 -15.48 6.84
N LEU A 287 -7.03 -15.08 6.48
CA LEU A 287 -6.48 -13.82 7.05
C LEU A 287 -7.34 -12.65 6.55
N ASP A 288 -7.70 -12.71 5.28
CA ASP A 288 -8.51 -11.62 4.69
C ASP A 288 -9.85 -11.52 5.44
N ALA A 289 -10.46 -12.66 5.77
CA ALA A 289 -11.73 -12.62 6.45
C ALA A 289 -11.69 -12.04 7.84
N LYS A 290 -10.51 -12.06 8.48
CA LYS A 290 -10.30 -11.50 9.81
C LYS A 290 -9.71 -10.06 9.77
N ASN A 291 -9.71 -9.44 8.59
CA ASN A 291 -9.12 -8.10 8.38
C ASN A 291 -7.61 -8.15 8.77
N LEU A 292 -6.97 -9.27 8.43
CA LEU A 292 -5.53 -9.45 8.69
C LEU A 292 -4.80 -9.69 7.38
N SER A 293 -5.28 -9.06 6.31
CA SER A 293 -4.70 -9.25 4.99
C SER A 293 -3.21 -8.87 5.08
N ILE A 294 -2.39 -9.62 4.37
CA ILE A 294 -0.94 -9.37 4.41
C ILE A 294 -0.41 -8.86 3.08
N LYS A 295 0.89 -8.60 3.09
CA LYS A 295 1.52 -7.95 1.95
C LYS A 295 1.89 -8.86 0.76
N GLY A 296 2.05 -10.15 1.00
CA GLY A 296 2.39 -11.00 -0.12
C GLY A 296 3.20 -12.21 0.31
N LEU A 297 3.98 -12.74 -0.64
CA LEU A 297 4.82 -13.93 -0.45
C LEU A 297 6.28 -13.67 -0.82
N MET A 298 7.17 -14.37 -0.16
CA MET A 298 8.61 -14.31 -0.50
C MET A 298 9.03 -15.76 -0.70
N THR A 299 9.94 -15.99 -1.62
CA THR A 299 10.51 -17.34 -1.71
C THR A 299 12.04 -17.42 -1.86
N TRP A 300 12.60 -18.43 -1.17
CA TRP A 300 14.00 -18.84 -1.44
C TRP A 300 13.74 -20.08 -2.33
N SER A 301 13.98 -20.01 -3.63
CA SER A 301 14.52 -18.83 -4.35
C SER A 301 14.11 -18.90 -5.82
N ILE A 302 14.37 -17.83 -6.54
CA ILE A 302 14.07 -17.79 -7.99
C ILE A 302 14.97 -18.82 -8.71
N ASN A 303 16.28 -18.91 -8.37
CA ASN A 303 17.15 -19.90 -9.01
C ASN A 303 16.67 -21.32 -8.75
N TRP A 304 16.14 -21.56 -7.55
CA TRP A 304 15.60 -22.90 -7.26
C TRP A 304 14.29 -23.16 -7.97
N ASP A 305 13.49 -22.10 -8.13
CA ASP A 305 12.17 -22.26 -8.76
C ASP A 305 12.35 -22.73 -10.22
N ASN A 306 13.49 -22.45 -10.84
CA ASN A 306 13.73 -22.98 -12.19
C ASN A 306 14.89 -23.96 -12.24
N GLY A 307 15.17 -24.62 -11.11
CA GLY A 307 16.24 -25.61 -11.08
C GLY A 307 15.76 -26.99 -11.47
N LYS A 308 16.49 -28.04 -11.09
CA LYS A 308 15.98 -29.38 -11.38
C LYS A 308 16.33 -30.33 -10.24
N SER A 309 15.53 -31.39 -10.08
CA SER A 309 15.82 -32.34 -9.05
C SER A 309 17.01 -33.23 -9.38
N LYS A 310 17.42 -34.03 -8.40
CA LYS A 310 18.51 -34.95 -8.58
C LYS A 310 18.19 -35.89 -9.76
N ALA A 311 16.91 -36.23 -9.92
CA ALA A 311 16.51 -37.15 -10.98
C ALA A 311 16.27 -36.42 -12.31
N GLY A 312 16.63 -35.13 -12.36
CA GLY A 312 16.47 -34.38 -13.58
C GLY A 312 15.11 -33.77 -13.90
N VAL A 313 14.18 -33.77 -12.95
CA VAL A 313 12.85 -33.22 -13.23
C VAL A 313 12.93 -31.68 -13.03
N ALA A 314 12.50 -30.93 -14.05
CA ALA A 314 12.55 -29.45 -14.00
C ALA A 314 11.49 -28.96 -13.08
N TYR A 315 11.86 -28.05 -12.17
CA TYR A 315 10.89 -27.43 -11.31
C TYR A 315 10.00 -26.50 -12.15
N ASN A 316 10.55 -25.93 -13.21
CA ASN A 316 9.76 -25.13 -14.16
C ASN A 316 8.83 -24.07 -13.59
N TRP A 317 9.39 -23.23 -12.69
CA TRP A 317 8.65 -22.14 -12.12
C TRP A 317 7.37 -22.53 -11.34
N GLU A 318 7.43 -23.68 -10.72
CA GLU A 318 6.28 -24.17 -9.94
C GLU A 318 5.77 -23.16 -8.91
N PHE A 319 6.67 -22.54 -8.13
CA PHE A 319 6.19 -21.59 -7.14
C PHE A 319 5.48 -20.38 -7.74
N LYS A 320 6.12 -19.80 -8.76
CA LYS A 320 5.59 -18.60 -9.45
C LYS A 320 4.20 -18.94 -10.07
N THR A 321 4.10 -20.11 -10.71
CA THR A 321 2.84 -20.53 -11.35
C THR A 321 1.73 -20.81 -10.33
N ARG A 322 2.10 -21.41 -9.21
CA ARG A 322 1.11 -21.68 -8.19
C ARG A 322 0.56 -20.45 -7.50
N TYR A 323 1.44 -19.47 -7.23
CA TYR A 323 1.05 -18.38 -6.37
C TYR A 323 0.91 -16.99 -6.96
N ALA A 324 1.42 -16.78 -8.18
CA ALA A 324 1.27 -15.45 -8.77
C ALA A 324 -0.20 -14.99 -8.83
N PRO A 325 -1.13 -15.93 -9.17
CA PRO A 325 -2.53 -15.48 -9.25
C PRO A 325 -3.06 -14.95 -7.92
N LEU A 326 -2.60 -15.53 -6.83
CA LEU A 326 -2.97 -15.10 -5.52
C LEU A 326 -2.53 -13.66 -5.27
N ILE A 327 -1.30 -13.36 -5.71
CA ILE A 327 -0.71 -12.03 -5.49
C ILE A 327 -1.28 -10.99 -6.39
N GLN A 328 -1.43 -11.30 -7.66
CA GLN A 328 -1.98 -10.26 -8.51
C GLN A 328 -3.52 -10.11 -8.43
N ASP B 13 -18.31 -7.38 17.11
CA ASP B 13 -19.31 -6.76 16.18
C ASP B 13 -18.58 -6.38 14.86
N ASP B 14 -19.13 -6.76 13.70
CA ASP B 14 -18.46 -6.51 12.42
C ASP B 14 -18.14 -5.05 12.08
N ALA B 15 -18.97 -4.13 12.56
CA ALA B 15 -18.70 -2.72 12.24
C ALA B 15 -17.55 -2.21 13.09
N ALA B 16 -17.11 -2.99 14.07
CA ALA B 16 -16.03 -2.50 14.93
C ALA B 16 -14.65 -2.59 14.26
N ILE B 17 -14.56 -3.37 13.19
CA ILE B 17 -13.36 -3.59 12.38
C ILE B 17 -13.07 -2.26 11.61
N MET B 18 -11.81 -1.94 11.33
CA MET B 18 -11.50 -0.78 10.43
C MET B 18 -10.72 -1.48 9.33
N PRO B 19 -11.37 -1.80 8.20
CA PRO B 19 -10.70 -2.49 7.11
C PRO B 19 -9.46 -1.76 6.60
N SER B 20 -8.42 -2.54 6.42
CA SER B 20 -7.19 -1.97 5.84
C SER B 20 -7.39 -1.69 4.35
N ILE B 21 -6.93 -0.52 3.90
CA ILE B 21 -6.96 -0.26 2.47
C ILE B 21 -5.52 -0.24 1.94
N ALA B 22 -4.57 -0.69 2.75
CA ALA B 22 -3.19 -0.78 2.27
C ALA B 22 -3.08 -1.91 1.19
N ASN B 23 -2.06 -1.84 0.37
CA ASN B 23 -1.74 -2.86 -0.61
C ASN B 23 -2.73 -3.13 -1.71
N LYS B 24 -3.59 -2.14 -1.99
CA LYS B 24 -4.53 -2.26 -3.09
C LYS B 24 -4.89 -0.84 -3.49
N LYS B 25 -5.51 -0.72 -4.67
CA LYS B 25 -5.96 0.58 -5.14
C LYS B 25 -7.46 0.63 -4.71
N ILE B 26 -8.00 1.84 -4.73
CA ILE B 26 -9.38 2.03 -4.32
C ILE B 26 -10.29 2.67 -5.39
N LEU B 27 -11.58 2.32 -5.33
CA LEU B 27 -12.61 2.92 -6.16
C LEU B 27 -13.47 3.53 -5.08
N MET B 28 -13.31 4.83 -4.89
CA MET B 28 -14.02 5.54 -3.85
C MET B 28 -15.25 6.29 -4.37
N GLY B 29 -16.30 6.34 -3.57
CA GLY B 29 -17.43 7.12 -4.03
C GLY B 29 -18.11 7.78 -2.87
N PHE B 30 -18.80 8.90 -3.14
CA PHE B 30 -19.51 9.61 -2.09
C PHE B 30 -20.98 9.16 -2.05
N TRP B 31 -21.49 8.99 -0.83
CA TRP B 31 -22.90 8.57 -0.61
C TRP B 31 -23.65 9.73 0.07
N HIS B 32 -24.80 10.12 -0.51
CA HIS B 32 -25.57 11.28 0.02
C HIS B 32 -26.49 10.96 1.24
N ASN B 33 -26.28 11.66 2.35
CA ASN B 33 -27.10 11.47 3.54
C ASN B 33 -28.27 12.43 3.48
N TRP B 34 -28.94 12.45 2.34
CA TRP B 34 -30.14 13.30 2.20
C TRP B 34 -30.99 12.81 1.03
N ALA B 35 -32.30 13.07 1.14
CA ALA B 35 -33.25 12.61 0.11
C ALA B 35 -33.11 13.42 -1.17
N ALA B 36 -33.27 12.74 -2.30
CA ALA B 36 -33.16 13.39 -3.62
C ALA B 36 -34.33 14.29 -3.94
N GLY B 37 -34.01 15.42 -4.58
CA GLY B 37 -34.98 16.38 -5.06
C GLY B 37 -35.38 15.90 -6.45
N ALA B 38 -36.39 16.54 -7.04
CA ALA B 38 -36.89 16.17 -8.35
C ALA B 38 -35.90 16.38 -9.50
N SER B 39 -35.11 17.44 -9.41
CA SER B 39 -34.13 17.70 -10.47
C SER B 39 -32.94 18.49 -9.93
N ASP B 40 -32.20 17.86 -9.00
CA ASP B 40 -31.04 18.50 -8.36
C ASP B 40 -29.82 18.57 -9.28
N GLY B 41 -29.86 17.79 -10.36
CA GLY B 41 -28.75 17.69 -11.29
C GLY B 41 -28.32 18.92 -12.06
N TYR B 42 -27.05 18.93 -12.45
CA TYR B 42 -26.54 20.04 -13.22
C TYR B 42 -27.20 20.06 -14.59
N GLN B 43 -27.85 18.96 -14.92
CA GLN B 43 -28.59 18.85 -16.18
C GLN B 43 -30.05 18.49 -15.82
N GLN B 44 -30.49 18.95 -14.65
CA GLN B 44 -31.87 18.68 -14.19
C GLN B 44 -32.24 17.20 -14.07
N GLY B 45 -31.22 16.35 -13.91
CA GLY B 45 -31.45 14.93 -13.74
C GLY B 45 -31.77 14.69 -12.27
N GLN B 46 -31.90 13.42 -11.88
CA GLN B 46 -32.25 13.11 -10.51
C GLN B 46 -31.34 12.00 -9.93
N PHE B 47 -30.92 12.14 -8.67
CA PHE B 47 -30.07 11.06 -8.12
C PHE B 47 -30.85 10.00 -7.34
N ALA B 48 -30.22 8.84 -7.11
CA ALA B 48 -30.86 7.74 -6.38
C ALA B 48 -30.71 7.75 -4.86
N ASN B 49 -31.74 7.26 -4.17
CA ASN B 49 -31.71 7.13 -2.71
C ASN B 49 -31.40 5.64 -2.56
N MET B 50 -30.50 5.27 -1.66
CA MET B 50 -30.17 3.86 -1.49
C MET B 50 -29.52 3.63 -0.14
N ASN B 51 -29.61 2.39 0.35
CA ASN B 51 -28.96 2.01 1.61
C ASN B 51 -27.51 1.76 1.20
N LEU B 52 -26.65 1.65 2.20
CA LEU B 52 -25.24 1.37 2.00
C LEU B 52 -25.15 -0.06 1.48
N THR B 53 -26.06 -0.94 1.89
CA THR B 53 -25.95 -2.29 1.38
C THR B 53 -26.38 -2.43 -0.08
N ASP B 54 -26.87 -1.34 -0.67
CA ASP B 54 -27.24 -1.37 -2.09
C ASP B 54 -26.08 -0.90 -3.00
N ILE B 55 -24.97 -0.43 -2.41
CA ILE B 55 -23.82 0.10 -3.20
C ILE B 55 -23.03 -1.07 -3.82
N PRO B 56 -22.79 -1.04 -5.16
CA PRO B 56 -22.03 -2.13 -5.80
C PRO B 56 -20.75 -2.38 -4.99
N THR B 57 -20.41 -3.65 -4.80
CA THR B 57 -19.25 -4.00 -3.99
C THR B 57 -17.94 -3.44 -4.47
N GLU B 58 -17.86 -3.16 -5.77
CA GLU B 58 -16.66 -2.61 -6.37
C GLU B 58 -16.25 -1.27 -5.72
N TYR B 59 -17.24 -0.56 -5.18
CA TYR B 59 -16.92 0.67 -4.47
C TYR B 59 -16.38 0.20 -3.12
N ASN B 60 -15.06 0.17 -2.96
CA ASN B 60 -14.48 -0.30 -1.71
C ASN B 60 -14.16 0.75 -0.66
N VAL B 61 -14.37 2.03 -1.01
CA VAL B 61 -14.28 3.11 0.01
C VAL B 61 -15.54 3.95 -0.26
N VAL B 62 -16.37 4.10 0.77
CA VAL B 62 -17.62 4.87 0.64
C VAL B 62 -17.52 6.03 1.60
N ALA B 63 -17.60 7.25 1.11
CA ALA B 63 -17.55 8.43 2.02
C ALA B 63 -18.98 8.96 2.21
N VAL B 64 -19.45 8.98 3.44
CA VAL B 64 -20.81 9.44 3.80
C VAL B 64 -20.81 10.97 3.90
N ALA B 65 -21.66 11.61 3.09
CA ALA B 65 -21.72 13.09 3.02
C ALA B 65 -23.03 13.63 3.64
N PHE B 66 -22.98 14.49 4.69
CA PHE B 66 -21.77 15.03 5.31
C PHE B 66 -21.90 15.24 6.82
N MET B 67 -20.75 15.34 7.50
CA MET B 67 -20.67 15.70 8.90
C MET B 67 -20.55 17.21 8.79
N LYS B 68 -21.29 17.93 9.63
CA LYS B 68 -21.29 19.40 9.55
C LYS B 68 -21.98 20.03 10.74
N GLY B 69 -22.09 21.37 10.71
CA GLY B 69 -22.76 22.09 11.78
C GLY B 69 -21.89 23.06 12.57
N GLN B 70 -22.52 24.12 13.09
CA GLN B 70 -21.78 25.11 13.87
C GLN B 70 -21.45 24.49 15.21
N GLY B 71 -20.47 25.05 15.91
CA GLY B 71 -20.06 24.49 17.20
C GLY B 71 -19.16 23.28 16.92
N ILE B 72 -19.55 22.07 17.36
CA ILE B 72 -18.75 20.88 17.07
C ILE B 72 -19.59 20.15 16.01
N PRO B 73 -19.09 20.04 14.78
CA PRO B 73 -19.81 19.37 13.67
C PRO B 73 -20.21 17.94 14.08
N THR B 74 -21.23 17.41 13.42
CA THR B 74 -21.72 16.08 13.80
C THR B 74 -22.50 15.49 12.63
N PHE B 75 -23.04 14.29 12.86
CA PHE B 75 -23.73 13.59 11.80
C PHE B 75 -24.82 12.66 12.34
N LYS B 76 -25.94 12.55 11.64
CA LYS B 76 -27.01 11.66 12.06
C LYS B 76 -27.63 11.16 10.78
N PRO B 77 -27.85 9.84 10.66
CA PRO B 77 -28.45 9.31 9.42
C PRO B 77 -29.81 9.98 9.14
N TYR B 78 -30.10 10.25 7.88
CA TYR B 78 -31.36 10.97 7.57
C TYR B 78 -32.58 10.07 7.53
N ASN B 79 -32.37 8.77 7.34
CA ASN B 79 -33.50 7.87 7.25
C ASN B 79 -33.27 6.46 7.76
N LEU B 80 -32.31 6.31 8.68
CA LEU B 80 -31.99 5.03 9.30
C LEU B 80 -31.70 5.28 10.76
N SER B 81 -32.02 4.31 11.64
CA SER B 81 -31.71 4.42 13.05
C SER B 81 -30.17 4.24 13.20
N ASP B 82 -29.63 4.61 14.35
CA ASP B 82 -28.18 4.49 14.57
C ASP B 82 -27.71 3.03 14.48
N THR B 83 -28.49 2.14 15.07
CA THR B 83 -28.12 0.74 15.11
C THR B 83 -28.25 0.08 13.71
N GLU B 84 -29.22 0.51 12.94
CA GLU B 84 -29.37 -0.08 11.61
C GLU B 84 -28.25 0.46 10.69
N PHE B 85 -27.88 1.71 10.90
CA PHE B 85 -26.82 2.32 10.07
C PHE B 85 -25.56 1.52 10.31
N ARG B 86 -25.29 1.27 11.59
CA ARG B 86 -24.11 0.54 12.03
C ARG B 86 -24.10 -0.88 11.48
N ARG B 87 -25.26 -1.52 11.50
CA ARG B 87 -25.33 -2.87 10.96
C ARG B 87 -24.91 -2.89 9.50
N GLN B 88 -25.37 -1.92 8.72
CA GLN B 88 -25.02 -1.83 7.30
C GLN B 88 -23.53 -1.55 7.18
N VAL B 89 -23.00 -0.64 8.00
CA VAL B 89 -21.55 -0.42 7.93
C VAL B 89 -20.84 -1.76 8.25
N GLY B 90 -21.32 -2.52 9.24
CA GLY B 90 -20.65 -3.77 9.53
C GLY B 90 -20.67 -4.75 8.34
N VAL B 91 -21.72 -4.71 7.55
CA VAL B 91 -21.80 -5.60 6.38
C VAL B 91 -20.70 -5.19 5.37
N LEU B 92 -20.58 -3.90 5.11
CA LEU B 92 -19.54 -3.46 4.20
C LEU B 92 -18.17 -3.78 4.78
N ASN B 93 -17.98 -3.54 6.08
CA ASN B 93 -16.71 -3.82 6.69
C ASN B 93 -16.37 -5.32 6.61
N SER B 94 -17.37 -6.20 6.73
CA SER B 94 -17.12 -7.66 6.66
C SER B 94 -16.69 -8.05 5.25
N GLN B 95 -16.96 -7.15 4.29
CA GLN B 95 -16.56 -7.36 2.91
C GLN B 95 -15.18 -6.64 2.61
N GLY B 96 -14.56 -6.09 3.63
CA GLY B 96 -13.28 -5.41 3.41
C GLY B 96 -13.44 -4.02 2.82
N ARG B 97 -14.66 -3.49 2.83
CA ARG B 97 -14.92 -2.13 2.27
C ARG B 97 -14.97 -1.11 3.41
N ALA B 98 -14.26 0.01 3.28
CA ALA B 98 -14.24 1.03 4.37
C ALA B 98 -15.35 2.05 4.15
N VAL B 99 -15.85 2.63 5.26
CA VAL B 99 -16.88 3.64 5.19
C VAL B 99 -16.38 4.84 5.98
N LEU B 100 -16.16 5.97 5.30
CA LEU B 100 -15.66 7.12 6.04
C LEU B 100 -16.77 8.13 6.23
N ILE B 101 -16.62 9.02 7.21
CA ILE B 101 -17.60 10.08 7.37
C ILE B 101 -16.88 11.29 6.72
N SER B 102 -17.53 11.96 5.77
CA SER B 102 -16.91 13.15 5.13
C SER B 102 -17.36 14.42 5.82
N LEU B 103 -16.38 15.17 6.33
CA LEU B 103 -16.62 16.44 7.03
C LEU B 103 -16.59 17.61 6.04
N GLY B 104 -17.69 18.37 5.93
CA GLY B 104 -17.71 19.50 5.02
C GLY B 104 -18.95 19.60 4.17
N GLY B 105 -18.70 19.91 2.91
CA GLY B 105 -19.75 20.05 1.93
C GLY B 105 -20.23 21.50 1.95
N ALA B 106 -21.12 21.80 1.01
CA ALA B 106 -21.64 23.15 0.89
C ALA B 106 -22.48 23.54 2.09
N ASP B 107 -22.33 24.80 2.47
CA ASP B 107 -23.09 25.37 3.57
C ASP B 107 -23.04 24.55 4.84
N ALA B 108 -21.86 24.06 5.18
CA ALA B 108 -21.75 23.23 6.36
C ALA B 108 -21.61 24.01 7.65
N HIS B 109 -21.30 25.32 7.55
CA HIS B 109 -21.14 26.17 8.75
C HIS B 109 -20.04 25.68 9.73
N ILE B 110 -19.03 25.03 9.19
CA ILE B 110 -17.96 24.55 10.04
C ILE B 110 -17.02 25.71 10.42
N GLU B 111 -17.01 26.03 11.71
CA GLU B 111 -16.14 27.06 12.26
C GLU B 111 -15.65 26.56 13.61
N LEU B 112 -14.50 25.93 13.62
CA LEU B 112 -13.94 25.39 14.83
C LEU B 112 -13.09 26.44 15.51
N LYS B 113 -13.18 26.48 16.84
CA LYS B 113 -12.41 27.47 17.59
C LYS B 113 -11.33 26.82 18.42
N THR B 114 -10.19 27.51 18.53
CA THR B 114 -9.08 27.02 19.34
C THR B 114 -9.64 26.62 20.69
N GLY B 115 -9.25 25.44 21.15
CA GLY B 115 -9.76 24.94 22.40
C GLY B 115 -10.80 23.84 22.21
N ASP B 116 -11.31 23.68 21.00
CA ASP B 116 -12.30 22.62 20.77
C ASP B 116 -11.69 21.30 20.28
N GLU B 117 -10.36 21.18 20.38
CA GLU B 117 -9.67 19.99 19.91
C GLU B 117 -10.16 18.68 20.50
N ASP B 118 -10.20 18.62 21.81
CA ASP B 118 -10.63 17.37 22.41
C ASP B 118 -12.11 17.13 22.17
N LYS B 119 -12.87 18.21 22.13
CA LYS B 119 -14.29 18.05 21.88
C LYS B 119 -14.54 17.49 20.49
N LEU B 120 -13.78 17.98 19.49
CA LEU B 120 -13.95 17.45 18.13
C LEU B 120 -13.40 16.01 18.16
N LYS B 121 -12.30 15.77 18.87
CA LYS B 121 -11.78 14.39 18.94
C LYS B 121 -12.83 13.44 19.57
N ASP B 122 -13.47 13.87 20.67
CA ASP B 122 -14.45 12.98 21.30
C ASP B 122 -15.65 12.70 20.40
N GLU B 123 -16.04 13.69 19.58
CA GLU B 123 -17.19 13.50 18.71
C GLU B 123 -16.87 12.54 17.56
N ILE B 124 -15.66 12.63 17.05
CA ILE B 124 -15.26 11.76 15.97
C ILE B 124 -15.23 10.33 16.51
N ILE B 125 -14.64 10.17 17.68
CA ILE B 125 -14.60 8.84 18.36
C ILE B 125 -16.04 8.34 18.63
N ARG B 126 -16.93 9.25 19.07
CA ARG B 126 -18.30 8.82 19.31
C ARG B 126 -18.92 8.38 17.98
N LEU B 127 -18.63 9.07 16.90
CA LEU B 127 -19.23 8.69 15.64
C LEU B 127 -18.73 7.31 15.22
N VAL B 128 -17.48 6.99 15.52
CA VAL B 128 -16.94 5.67 15.16
C VAL B 128 -17.62 4.63 16.03
N GLU B 129 -17.66 4.91 17.32
CA GLU B 129 -18.26 3.98 18.28
C GLU B 129 -19.76 3.72 18.09
N VAL B 130 -20.50 4.72 17.59
CA VAL B 130 -21.93 4.57 17.33
C VAL B 130 -22.22 3.98 15.93
N TYR B 131 -21.56 4.53 14.90
CA TYR B 131 -21.83 4.14 13.52
C TYR B 131 -20.88 3.13 12.83
N GLY B 132 -19.67 2.99 13.34
CA GLY B 132 -18.74 2.01 12.76
C GLY B 132 -17.82 2.61 11.70
N PHE B 133 -17.80 3.95 11.58
CA PHE B 133 -16.93 4.59 10.56
C PHE B 133 -15.48 4.15 10.76
N ASP B 134 -14.78 4.10 9.62
CA ASP B 134 -13.39 3.64 9.55
C ASP B 134 -12.39 4.79 9.34
N GLY B 135 -12.87 6.05 9.33
CA GLY B 135 -11.94 7.15 9.12
C GLY B 135 -12.74 8.41 8.78
N LEU B 136 -12.05 9.47 8.39
CA LEU B 136 -12.76 10.72 8.11
C LEU B 136 -12.15 11.33 6.88
N ASP B 137 -13.02 11.84 6.00
CA ASP B 137 -12.58 12.53 4.77
C ASP B 137 -12.75 14.05 5.00
N ILE B 138 -11.77 14.87 4.62
CA ILE B 138 -11.94 16.32 4.79
C ILE B 138 -12.40 16.88 3.42
N ASP B 139 -13.65 17.39 3.34
CA ASP B 139 -14.16 17.91 2.08
C ASP B 139 -14.73 19.32 2.34
N LEU B 140 -13.88 20.18 2.86
CA LEU B 140 -14.28 21.54 3.19
C LEU B 140 -14.59 22.41 1.95
N GLU B 141 -15.66 23.18 2.05
CA GLU B 141 -16.07 24.13 1.01
C GLU B 141 -15.03 25.26 1.06
N GLN B 142 -14.90 26.04 -0.02
CA GLN B 142 -13.85 27.05 0.00
C GLN B 142 -13.92 28.07 1.14
N ALA B 143 -15.14 28.43 1.54
CA ALA B 143 -15.33 29.41 2.61
C ALA B 143 -14.88 28.86 3.95
N ALA B 144 -14.77 27.53 4.02
CA ALA B 144 -14.33 26.90 5.27
C ALA B 144 -12.81 26.69 5.40
N ILE B 145 -12.05 26.66 4.29
CA ILE B 145 -10.64 26.28 4.45
C ILE B 145 -9.78 27.16 5.34
N GLY B 146 -10.19 28.41 5.49
CA GLY B 146 -9.42 29.35 6.30
C GLY B 146 -10.27 30.01 7.36
N ALA B 147 -11.47 29.48 7.54
CA ALA B 147 -12.40 29.99 8.52
C ALA B 147 -12.05 29.65 9.98
N ALA B 148 -12.36 30.60 10.87
CA ALA B 148 -12.13 30.46 12.30
C ALA B 148 -10.75 29.87 12.58
N ASN B 149 -10.69 28.72 13.29
CA ASN B 149 -9.40 28.07 13.56
C ASN B 149 -9.46 26.64 12.95
N ASN B 150 -10.23 26.49 11.87
CA ASN B 150 -10.36 25.18 11.21
C ASN B 150 -8.97 24.61 10.94
N LYS B 151 -8.08 25.47 10.46
CA LYS B 151 -6.72 25.07 10.15
C LYS B 151 -5.89 24.37 11.19
N THR B 152 -6.07 24.74 12.46
CA THR B 152 -5.26 24.15 13.53
C THR B 152 -6.04 23.14 14.35
N VAL B 153 -7.33 23.41 14.54
CA VAL B 153 -8.15 22.50 15.33
C VAL B 153 -8.44 21.17 14.61
N LEU B 154 -8.78 21.20 13.33
CA LEU B 154 -9.08 19.93 12.65
C LEU B 154 -7.90 18.93 12.66
N PRO B 155 -6.68 19.37 12.25
CA PRO B 155 -5.56 18.42 12.29
C PRO B 155 -5.26 17.95 13.70
N ALA B 156 -5.32 18.87 14.67
CA ALA B 156 -5.01 18.50 16.06
C ALA B 156 -5.94 17.40 16.54
N ALA B 157 -7.25 17.56 16.28
CA ALA B 157 -8.22 16.51 16.71
C ALA B 157 -7.93 15.21 15.94
N LEU B 158 -7.70 15.31 14.64
CA LEU B 158 -7.48 14.11 13.87
C LEU B 158 -6.27 13.32 14.32
N LYS B 159 -5.17 13.98 14.68
CA LYS B 159 -4.01 13.23 15.12
C LYS B 159 -4.33 12.44 16.39
N LYS B 160 -5.05 13.06 17.31
CA LYS B 160 -5.42 12.36 18.52
C LYS B 160 -6.31 11.16 18.23
N VAL B 161 -7.27 11.29 17.30
CA VAL B 161 -8.14 10.16 16.91
C VAL B 161 -7.27 9.06 16.29
N LYS B 162 -6.33 9.44 15.41
CA LYS B 162 -5.48 8.43 14.79
C LYS B 162 -4.65 7.66 15.82
N ASP B 163 -3.99 8.39 16.71
CA ASP B 163 -3.18 7.79 17.77
C ASP B 163 -4.01 6.91 18.69
N HIS B 164 -5.22 7.37 19.00
CA HIS B 164 -6.13 6.64 19.85
C HIS B 164 -6.39 5.26 19.25
N TYR B 165 -6.72 5.24 17.95
CA TYR B 165 -7.07 3.95 17.37
C TYR B 165 -5.84 3.09 17.08
N ALA B 166 -4.70 3.74 16.83
CA ALA B 166 -3.45 3.03 16.58
C ALA B 166 -3.14 2.16 17.80
N ALA B 167 -3.36 2.70 19.00
CA ALA B 167 -3.07 1.93 20.22
C ALA B 167 -3.96 0.68 20.33
N GLN B 168 -5.08 0.68 19.61
CA GLN B 168 -5.98 -0.45 19.60
C GLN B 168 -5.64 -1.31 18.39
N GLY B 169 -4.58 -0.98 17.68
CA GLY B 169 -4.23 -1.73 16.48
C GLY B 169 -5.16 -1.52 15.29
N LYS B 170 -5.79 -0.34 15.19
CA LYS B 170 -6.70 -0.06 14.07
C LYS B 170 -6.19 1.19 13.36
N ASN B 171 -6.27 1.20 12.03
CA ASN B 171 -5.85 2.36 11.26
C ASN B 171 -7.08 3.17 10.86
N PHE B 172 -7.26 4.30 11.56
CA PHE B 172 -8.40 5.18 11.27
C PHE B 172 -7.95 5.94 10.00
N ILE B 173 -8.69 5.79 8.91
CA ILE B 173 -8.28 6.39 7.63
C ILE B 173 -8.50 7.88 7.59
N ILE B 174 -7.52 8.67 7.08
CA ILE B 174 -7.75 10.11 6.93
C ILE B 174 -7.52 10.43 5.45
N SER B 175 -8.53 11.02 4.83
CA SER B 175 -8.45 11.39 3.42
C SER B 175 -8.89 12.83 3.27
N MET B 176 -8.54 13.43 2.12
CA MET B 176 -8.92 14.83 1.82
C MET B 176 -9.39 14.88 0.38
N ALA B 177 -10.40 15.74 0.11
CA ALA B 177 -10.95 15.90 -1.23
C ALA B 177 -10.88 17.36 -1.66
N PRO B 178 -9.68 17.95 -1.74
CA PRO B 178 -9.58 19.37 -2.15
C PRO B 178 -9.93 19.66 -3.59
N GLU B 179 -10.30 20.91 -3.88
CA GLU B 179 -10.52 21.33 -5.27
C GLU B 179 -9.03 21.53 -5.73
N PHE B 180 -8.68 21.19 -6.96
CA PHE B 180 -7.26 21.30 -7.30
C PHE B 180 -6.57 22.68 -7.20
N PRO B 181 -7.33 23.78 -7.36
CA PRO B 181 -6.72 25.11 -7.25
C PRO B 181 -6.27 25.41 -5.80
N TYR B 182 -6.61 24.55 -4.85
CA TYR B 182 -6.15 24.76 -3.49
C TYR B 182 -4.73 24.22 -3.34
N LEU B 183 -4.22 23.53 -4.37
CA LEU B 183 -2.93 22.81 -4.24
C LEU B 183 -1.72 23.40 -4.92
N ARG B 184 -1.78 24.70 -5.23
CA ARG B 184 -0.65 25.33 -5.85
C ARG B 184 0.43 25.60 -4.82
N THR B 185 1.66 25.90 -5.26
CA THR B 185 2.73 26.18 -4.30
C THR B 185 2.27 27.33 -3.39
N ASN B 186 2.61 27.18 -2.10
CA ASN B 186 2.22 28.09 -1.03
C ASN B 186 0.71 28.37 -0.89
N GLY B 187 -0.10 27.38 -1.26
CA GLY B 187 -1.55 27.52 -1.11
C GLY B 187 -1.93 27.41 0.36
N THR B 188 -2.93 28.15 0.78
CA THR B 188 -3.32 28.12 2.19
C THR B 188 -3.74 26.68 2.64
N TYR B 189 -4.40 25.94 1.76
CA TYR B 189 -4.79 24.55 2.05
C TYR B 189 -3.64 23.63 2.40
N LEU B 190 -2.44 23.92 1.92
CA LEU B 190 -1.30 23.03 2.21
C LEU B 190 -1.04 22.86 3.72
N ASP B 191 -1.52 23.80 4.52
CA ASP B 191 -1.33 23.69 5.98
C ASP B 191 -2.01 22.39 6.48
N TYR B 192 -3.13 22.01 5.89
CA TYR B 192 -3.80 20.75 6.31
C TYR B 192 -2.92 19.53 5.94
N ILE B 193 -2.43 19.51 4.70
CA ILE B 193 -1.59 18.42 4.22
C ILE B 193 -0.30 18.33 5.00
N ASN B 194 0.38 19.46 5.20
CA ASN B 194 1.62 19.46 5.96
C ASN B 194 1.41 19.04 7.41
N ALA B 195 0.38 19.59 8.04
CA ALA B 195 0.08 19.24 9.43
C ALA B 195 -0.24 17.75 9.59
N LEU B 196 -0.80 17.13 8.56
CA LEU B 196 -1.17 15.71 8.68
C LEU B 196 -0.18 14.77 8.00
N GLU B 197 1.01 15.27 7.73
CA GLU B 197 2.07 14.48 7.14
C GLU B 197 2.32 13.26 8.02
N GLY B 198 2.26 12.07 7.41
CA GLY B 198 2.46 10.86 8.18
C GLY B 198 1.15 10.35 8.77
N TYR B 199 0.10 11.16 8.69
CA TYR B 199 -1.22 10.76 9.23
C TYR B 199 -2.23 10.53 8.15
N TYR B 200 -2.18 11.31 7.06
CA TYR B 200 -3.19 11.07 6.05
C TYR B 200 -2.79 9.88 5.21
N ASP B 201 -3.81 9.19 4.75
CA ASP B 201 -3.68 8.01 3.95
C ASP B 201 -3.68 8.37 2.45
N PHE B 202 -4.54 9.30 2.02
CA PHE B 202 -4.55 9.70 0.60
C PHE B 202 -5.29 11.01 0.38
N ILE B 203 -5.00 11.66 -0.75
CA ILE B 203 -5.64 12.95 -1.11
C ILE B 203 -6.26 12.70 -2.47
N ALA B 204 -7.53 13.12 -2.64
CA ALA B 204 -8.28 12.86 -3.87
C ALA B 204 -8.77 14.19 -4.41
N PRO B 205 -7.92 14.91 -5.17
CA PRO B 205 -8.43 16.21 -5.64
C PRO B 205 -9.59 16.11 -6.60
N GLN B 206 -10.42 17.15 -6.61
CA GLN B 206 -11.57 17.19 -7.52
C GLN B 206 -11.13 17.77 -8.89
N TYR B 207 -11.17 16.95 -9.93
CA TYR B 207 -10.80 17.39 -11.29
C TYR B 207 -12.11 17.83 -12.00
N TYR B 208 -12.91 18.60 -11.30
CA TYR B 208 -14.21 19.02 -11.86
C TYR B 208 -14.66 20.33 -11.23
N ASN B 209 -15.65 20.98 -11.87
CA ASN B 209 -16.19 22.25 -11.39
C ASN B 209 -15.22 23.42 -11.36
N GLN B 210 -14.15 23.36 -12.17
CA GLN B 210 -13.17 24.44 -12.22
C GLN B 210 -13.10 24.95 -13.66
N GLY B 211 -14.14 24.60 -14.44
CA GLY B 211 -14.26 25.01 -15.83
C GLY B 211 -13.02 25.31 -16.65
N GLY B 212 -12.70 26.59 -16.77
CA GLY B 212 -11.57 26.99 -17.58
C GLY B 212 -10.16 26.94 -17.01
N ASP B 213 -10.01 26.52 -15.76
CA ASP B 213 -8.70 26.44 -15.19
C ASP B 213 -7.96 25.36 -15.97
N GLY B 214 -6.80 25.73 -16.47
CA GLY B 214 -6.06 24.79 -17.25
C GLY B 214 -4.65 24.72 -16.79
N ILE B 215 -3.85 24.07 -17.62
CA ILE B 215 -2.49 23.88 -17.31
C ILE B 215 -1.65 23.93 -18.59
N TRP B 216 -0.48 24.55 -18.53
CA TRP B 216 0.37 24.62 -19.70
C TRP B 216 1.33 23.47 -19.73
N VAL B 217 1.31 22.74 -20.84
CA VAL B 217 2.15 21.58 -20.96
C VAL B 217 3.20 21.80 -22.03
N ASP B 218 4.47 21.96 -21.63
CA ASP B 218 5.58 22.17 -22.57
C ASP B 218 5.68 21.03 -23.58
N GLU B 219 5.48 19.81 -23.08
CA GLU B 219 5.59 18.63 -23.92
C GLU B 219 4.61 18.61 -25.10
N LEU B 220 3.51 19.34 -24.99
CA LEU B 220 2.53 19.41 -26.07
C LEU B 220 2.39 20.84 -26.62
N ASN B 221 3.15 21.79 -26.05
CA ASN B 221 3.03 23.22 -26.42
C ASN B 221 1.53 23.54 -26.48
N ALA B 222 0.85 23.23 -25.38
CA ALA B 222 -0.58 23.43 -25.32
C ALA B 222 -1.07 23.78 -23.95
N TRP B 223 -2.09 24.61 -23.96
CA TRP B 223 -2.83 25.03 -22.79
C TRP B 223 -4.02 24.04 -22.70
N ILE B 224 -4.04 23.20 -21.67
CA ILE B 224 -5.09 22.18 -21.53
C ILE B 224 -6.04 22.51 -20.40
N THR B 225 -7.29 22.80 -20.71
CA THR B 225 -8.28 23.16 -19.69
C THR B 225 -9.03 21.93 -19.15
N GLN B 226 -9.63 22.13 -17.99
CA GLN B 226 -10.38 21.07 -17.31
C GLN B 226 -11.70 20.80 -18.02
N ASN B 227 -12.07 21.66 -18.96
CA ASN B 227 -13.34 21.39 -19.63
C ASN B 227 -13.14 21.05 -21.10
N ASN B 228 -11.91 20.79 -21.50
CA ASN B 228 -11.58 20.44 -22.89
C ASN B 228 -11.69 18.91 -23.02
N ASP B 229 -12.76 18.43 -23.63
CA ASP B 229 -12.98 16.98 -23.77
C ASP B 229 -12.02 16.32 -24.76
N ALA B 230 -11.68 17.04 -25.81
CA ALA B 230 -10.80 16.51 -26.83
C ALA B 230 -9.42 16.17 -26.28
N MET B 231 -9.01 16.90 -25.25
N MET B 231 -9.00 16.87 -25.24
CA MET B 231 -7.70 16.69 -24.64
CA MET B 231 -7.68 16.59 -24.69
C MET B 231 -7.87 16.14 -23.22
C MET B 231 -7.84 16.09 -23.26
N LYS B 232 -8.94 15.40 -22.99
CA LYS B 232 -9.19 14.89 -21.65
C LYS B 232 -8.10 13.95 -21.12
N GLU B 233 -7.59 13.03 -21.96
CA GLU B 233 -6.56 12.12 -21.48
C GLU B 233 -5.35 12.94 -21.02
N ASP B 234 -4.95 13.91 -21.86
CA ASP B 234 -3.80 14.74 -21.49
C ASP B 234 -4.03 15.61 -20.27
N PHE B 235 -5.25 16.09 -20.08
CA PHE B 235 -5.54 16.88 -18.89
C PHE B 235 -5.36 15.97 -17.65
N LEU B 236 -5.97 14.78 -17.71
CA LEU B 236 -5.85 13.87 -16.54
C LEU B 236 -4.38 13.53 -16.27
N TYR B 237 -3.64 13.17 -17.31
CA TYR B 237 -2.28 12.80 -17.10
C TYR B 237 -1.40 13.91 -16.55
N TYR B 238 -1.42 15.06 -17.22
CA TYR B 238 -0.53 16.16 -16.86
C TYR B 238 -0.85 16.86 -15.57
N LEU B 239 -2.14 17.01 -15.26
CA LEU B 239 -2.46 17.66 -13.97
C LEU B 239 -1.98 16.68 -12.87
N THR B 240 -2.19 15.38 -13.08
CA THR B 240 -1.74 14.41 -12.06
C THR B 240 -0.20 14.43 -11.95
N GLU B 241 0.49 14.38 -13.09
CA GLU B 241 1.96 14.38 -13.08
C GLU B 241 2.45 15.59 -12.32
N SER B 242 1.78 16.72 -12.55
CA SER B 242 2.21 17.97 -11.88
C SER B 242 2.08 17.87 -10.39
N LEU B 243 0.92 17.38 -9.92
CA LEU B 243 0.65 17.22 -8.50
C LEU B 243 1.52 16.19 -7.79
N VAL B 244 1.87 15.10 -8.46
CA VAL B 244 2.71 14.11 -7.80
C VAL B 244 4.20 14.34 -7.98
N THR B 245 4.60 15.39 -8.71
CA THR B 245 6.04 15.70 -8.85
C THR B 245 6.35 17.10 -8.36
N GLY B 246 5.30 17.84 -8.03
CA GLY B 246 5.44 19.23 -7.56
C GLY B 246 5.95 20.17 -8.65
N THR B 247 5.39 20.05 -9.86
CA THR B 247 5.79 20.89 -10.99
C THR B 247 4.61 21.67 -11.55
N ARG B 248 4.89 22.52 -12.54
CA ARG B 248 3.91 23.35 -13.20
C ARG B 248 3.10 24.20 -12.25
N GLY B 249 3.78 24.59 -11.16
CA GLY B 249 3.19 25.53 -10.17
C GLY B 249 2.43 24.88 -9.05
N TYR B 250 2.43 23.54 -9.03
CA TYR B 250 1.73 22.82 -7.96
C TYR B 250 2.68 22.27 -6.89
N ALA B 251 2.13 22.11 -5.68
CA ALA B 251 2.89 21.51 -4.60
C ALA B 251 2.87 19.98 -4.86
N LYS B 252 3.74 19.25 -4.19
CA LYS B 252 3.82 17.80 -4.41
C LYS B 252 3.05 16.93 -3.40
N ILE B 253 2.32 15.96 -3.93
CA ILE B 253 1.63 14.97 -3.08
C ILE B 253 2.20 13.62 -3.59
N PRO B 254 2.63 12.71 -2.69
CA PRO B 254 3.19 11.43 -3.14
C PRO B 254 2.19 10.66 -4.02
N ALA B 255 2.64 10.16 -5.18
CA ALA B 255 1.76 9.46 -6.09
C ALA B 255 1.07 8.25 -5.39
N ALA B 256 1.81 7.55 -4.52
CA ALA B 256 1.18 6.39 -3.83
C ALA B 256 0.02 6.78 -2.90
N LYS B 257 -0.10 8.08 -2.60
CA LYS B 257 -1.18 8.55 -1.71
C LYS B 257 -2.10 9.47 -2.49
N PHE B 258 -2.14 9.30 -3.79
CA PHE B 258 -2.94 10.19 -4.65
C PHE B 258 -4.09 9.50 -5.33
N VAL B 259 -5.23 10.19 -5.38
CA VAL B 259 -6.42 9.64 -6.01
C VAL B 259 -7.03 10.68 -6.96
N ILE B 260 -7.44 10.29 -8.18
CA ILE B 260 -8.07 11.30 -9.09
C ILE B 260 -9.61 11.34 -8.82
N GLY B 261 -10.15 12.53 -8.49
CA GLY B 261 -11.60 12.65 -8.27
C GLY B 261 -12.33 13.08 -9.56
N LEU B 262 -13.39 12.36 -9.94
CA LEU B 262 -14.14 12.66 -11.19
C LEU B 262 -15.65 12.59 -11.00
N PRO B 263 -16.42 13.32 -11.84
CA PRO B 263 -17.90 13.28 -11.71
C PRO B 263 -18.38 11.96 -12.27
N SER B 264 -19.41 11.36 -11.66
CA SER B 264 -19.91 10.09 -12.20
C SER B 264 -20.61 10.27 -13.55
N ASN B 265 -21.12 11.48 -13.77
CA ASN B 265 -21.81 11.86 -15.03
C ASN B 265 -22.08 13.38 -15.07
N ASN B 266 -22.65 13.86 -16.17
CA ASN B 266 -22.93 15.29 -16.32
C ASN B 266 -23.90 15.91 -15.34
N ASP B 267 -24.76 15.11 -14.71
CA ASP B 267 -25.65 15.68 -13.72
C ASP B 267 -24.91 15.95 -12.40
N ALA B 268 -23.88 15.15 -12.13
CA ALA B 268 -23.10 15.28 -10.90
C ALA B 268 -22.24 16.52 -10.71
N ALA B 269 -21.71 17.08 -11.79
CA ALA B 269 -20.88 18.29 -11.66
C ALA B 269 -21.10 19.14 -12.91
N ALA B 270 -20.83 20.44 -12.84
CA ALA B 270 -21.01 21.34 -14.00
C ALA B 270 -20.11 21.01 -15.16
N THR B 271 -18.84 20.73 -14.86
CA THR B 271 -17.85 20.39 -15.88
C THR B 271 -16.87 19.35 -15.27
N GLY B 272 -16.17 18.63 -16.15
CA GLY B 272 -15.18 17.63 -15.72
C GLY B 272 -15.52 16.19 -16.04
N TYR B 273 -16.79 15.90 -16.36
CA TYR B 273 -17.13 14.54 -16.72
C TYR B 273 -16.24 14.01 -17.86
N VAL B 274 -15.77 12.78 -17.72
CA VAL B 274 -14.94 12.15 -18.77
C VAL B 274 -15.86 11.38 -19.73
N VAL B 275 -15.96 11.88 -20.97
CA VAL B 275 -16.84 11.22 -21.91
C VAL B 275 -16.33 9.88 -22.41
N ASN B 276 -15.04 9.81 -22.72
CA ASN B 276 -14.48 8.61 -23.25
C ASN B 276 -13.65 7.92 -22.18
N LYS B 277 -14.12 6.76 -21.71
CA LYS B 277 -13.44 6.01 -20.63
C LYS B 277 -11.98 5.70 -20.93
N GLN B 278 -11.63 5.56 -22.20
CA GLN B 278 -10.27 5.25 -22.57
C GLN B 278 -9.29 6.34 -22.08
N ALA B 279 -9.80 7.57 -21.88
CA ALA B 279 -8.93 8.67 -21.41
C ALA B 279 -8.38 8.34 -19.99
N VAL B 280 -9.23 7.78 -19.13
CA VAL B 280 -8.80 7.42 -17.75
C VAL B 280 -7.84 6.24 -17.82
N TYR B 281 -8.18 5.17 -18.57
CA TYR B 281 -7.29 4.05 -18.73
C TYR B 281 -5.91 4.41 -19.26
N ASN B 282 -5.86 5.30 -20.28
CA ASN B 282 -4.58 5.66 -20.87
C ASN B 282 -3.78 6.53 -19.92
N ALA B 283 -4.46 7.44 -19.21
CA ALA B 283 -3.71 8.27 -18.26
C ALA B 283 -3.14 7.37 -17.17
N PHE B 284 -3.89 6.36 -16.72
CA PHE B 284 -3.31 5.46 -15.70
C PHE B 284 -2.11 4.69 -16.22
N SER B 285 -2.19 4.19 -17.48
CA SER B 285 -1.05 3.43 -18.03
C SER B 285 0.17 4.31 -18.18
N ARG B 286 -0.05 5.56 -18.61
CA ARG B 286 1.05 6.50 -18.75
C ARG B 286 1.70 6.79 -17.41
N LEU B 287 0.89 6.98 -16.38
CA LEU B 287 1.39 7.23 -15.02
C LEU B 287 2.19 6.00 -14.58
N ASP B 288 1.64 4.81 -14.81
CA ASP B 288 2.38 3.59 -14.44
C ASP B 288 3.74 3.49 -15.13
N ALA B 289 3.79 3.82 -16.42
CA ALA B 289 5.04 3.73 -17.18
C ALA B 289 6.12 4.69 -16.69
N LYS B 290 5.73 5.79 -16.03
CA LYS B 290 6.66 6.78 -15.50
C LYS B 290 6.95 6.57 -14.01
N ASN B 291 6.56 5.41 -13.48
CA ASN B 291 6.71 5.08 -12.05
C ASN B 291 5.99 6.12 -11.19
N LEU B 292 4.84 6.60 -11.69
CA LEU B 292 3.98 7.54 -10.95
C LEU B 292 2.58 6.89 -10.73
N SER B 293 2.56 5.56 -10.50
CA SER B 293 1.30 4.87 -10.27
C SER B 293 0.58 5.49 -9.09
N ILE B 294 -0.75 5.62 -9.19
CA ILE B 294 -1.50 6.27 -8.11
C ILE B 294 -2.40 5.31 -7.33
N LYS B 295 -3.03 5.82 -6.28
CA LYS B 295 -3.86 5.01 -5.38
C LYS B 295 -5.22 4.60 -5.94
N GLY B 296 -5.77 5.36 -6.88
CA GLY B 296 -7.07 4.95 -7.45
C GLY B 296 -7.90 6.14 -7.94
N LEU B 297 -9.22 5.95 -7.88
CA LEU B 297 -10.22 6.93 -8.34
C LEU B 297 -11.27 7.20 -7.29
N MET B 298 -11.79 8.43 -7.29
CA MET B 298 -12.85 8.82 -6.41
C MET B 298 -13.94 9.44 -7.30
N THR B 299 -15.20 9.30 -6.89
CA THR B 299 -16.22 9.95 -7.73
C THR B 299 -17.32 10.57 -6.95
N TRP B 300 -17.74 11.76 -7.39
CA TRP B 300 -18.96 12.37 -6.83
C TRP B 300 -19.95 12.00 -7.96
N SER B 301 -20.91 11.08 -7.73
CA SER B 301 -21.08 10.36 -6.46
C SER B 301 -21.77 9.03 -6.81
N ILE B 302 -21.84 8.16 -5.81
CA ILE B 302 -22.47 6.85 -5.94
C ILE B 302 -23.98 7.05 -6.25
N ASN B 303 -24.62 7.98 -5.53
CA ASN B 303 -26.05 8.26 -5.76
C ASN B 303 -26.24 8.76 -7.19
N TRP B 304 -25.35 9.63 -7.67
CA TRP B 304 -25.52 10.07 -9.05
C TRP B 304 -25.23 8.96 -10.04
N ASP B 305 -24.31 8.05 -9.68
CA ASP B 305 -23.96 6.95 -10.58
C ASP B 305 -25.16 6.03 -10.84
N ASN B 306 -26.16 6.07 -9.99
CA ASN B 306 -27.37 5.25 -10.29
C ASN B 306 -28.61 6.15 -10.43
N GLY B 307 -28.43 7.42 -10.78
CA GLY B 307 -29.60 8.29 -10.92
C GLY B 307 -30.11 8.22 -12.35
N LYS B 308 -30.81 9.27 -12.78
CA LYS B 308 -31.31 9.30 -14.15
C LYS B 308 -31.31 10.71 -14.68
N SER B 309 -31.17 10.83 -16.00
CA SER B 309 -31.14 12.12 -16.68
C SER B 309 -32.53 12.75 -16.73
N LYS B 310 -32.62 13.98 -17.27
CA LYS B 310 -33.87 14.73 -17.45
C LYS B 310 -34.88 13.77 -18.05
N ALA B 311 -34.45 13.17 -19.17
CA ALA B 311 -35.23 12.20 -19.94
C ALA B 311 -35.56 10.88 -19.23
N GLY B 312 -35.24 10.80 -17.94
CA GLY B 312 -35.51 9.59 -17.18
C GLY B 312 -34.62 8.42 -17.59
N VAL B 313 -33.54 8.69 -18.32
CA VAL B 313 -32.62 7.64 -18.74
C VAL B 313 -31.74 7.31 -17.53
N ALA B 314 -31.60 6.01 -17.25
CA ALA B 314 -30.84 5.53 -16.10
C ALA B 314 -29.33 5.55 -16.37
N TYR B 315 -28.57 6.08 -15.41
CA TYR B 315 -27.09 6.12 -15.50
C TYR B 315 -26.56 4.69 -15.28
N ASN B 316 -27.33 3.94 -14.49
CA ASN B 316 -27.09 2.52 -14.26
C ASN B 316 -25.65 2.14 -13.98
N TRP B 317 -25.06 2.76 -12.97
CA TRP B 317 -23.68 2.49 -12.54
C TRP B 317 -22.62 2.63 -13.62
N GLU B 318 -22.81 3.62 -14.49
CA GLU B 318 -21.87 3.80 -15.57
C GLU B 318 -20.41 3.95 -15.10
N PHE B 319 -20.22 4.72 -14.04
CA PHE B 319 -18.84 4.99 -13.54
C PHE B 319 -18.15 3.72 -12.98
N LYS B 320 -18.88 3.00 -12.14
CA LYS B 320 -18.39 1.75 -11.51
C LYS B 320 -18.07 0.74 -12.63
N THR B 321 -19.01 0.53 -13.54
CA THR B 321 -18.77 -0.41 -14.63
C THR B 321 -17.59 -0.06 -15.54
N ARG B 322 -17.45 1.21 -15.91
CA ARG B 322 -16.35 1.63 -16.77
C ARG B 322 -14.96 1.44 -16.13
N TYR B 323 -14.86 1.83 -14.87
CA TYR B 323 -13.55 1.84 -14.19
C TYR B 323 -13.21 0.83 -13.13
N ALA B 324 -14.15 0.00 -12.70
CA ALA B 324 -13.79 -1.00 -11.69
C ALA B 324 -12.64 -1.90 -12.19
N PRO B 325 -12.64 -2.28 -13.46
CA PRO B 325 -11.54 -3.15 -13.94
C PRO B 325 -10.15 -2.53 -13.77
N LEU B 326 -10.09 -1.20 -13.92
CA LEU B 326 -8.83 -0.49 -13.77
C LEU B 326 -8.33 -0.56 -12.33
N ILE B 327 -9.24 -0.49 -11.38
CA ILE B 327 -8.84 -0.49 -9.97
C ILE B 327 -8.48 -1.91 -9.59
N GLN B 328 -9.25 -2.85 -10.16
CA GLN B 328 -9.05 -4.29 -10.08
C GLN B 328 -10.18 -5.14 -9.54
#